data_1YW7
#
_entry.id   1YW7
#
_cell.length_a   89.487
_cell.length_b   98.735
_cell.length_c   101.211
_cell.angle_alpha   90.00
_cell.angle_beta   90.00
_cell.angle_gamma   90.00
#
_symmetry.space_group_name_H-M   'C 2 2 21'
#
loop_
_entity.id
_entity.type
_entity.pdbx_description
1 polymer 'Methionine aminopeptidase 2'
2 non-polymer 'MANGANESE (II) ION'
3 non-polymer '5-METHYL-2-[(PHENYLSULFONYL)AMINO]BENZOIC ACID'
4 water water
#
_entity_poly.entity_id   1
_entity_poly.type   'polypeptide(L)'
_entity_poly.pdbx_seq_one_letter_code
;KVQTDPPSVPICDLYPNGVFPKGQECEYPPTQDGRTAAWRTTSEEKKALDQASEEIWNDFREAAEAHRQVRKYVMSWIKP
GMTMIEICEKLEDCSRKLIKENGLNAGLAFPTGCSLNNCAAHYTPNAGDTTVLQYDDICKIDFGTHISGRIIDCAFTVTF
NPKYDTLLKAVKDATNTGIKCAGIDVRLCDVGEAIQEVMESYEVEIDGKTYQVKPIRNLNGHSIGQYRIHAGKTVPIIKG
GEATRMEEGEVYAIETFGSTGKGVVHDDMECSHYMKNFDVGHVPIRLPRTKHLLNVINENFGTLAFCRRWLDRLGESKYL
MALKNLCDLGIVDPYPPLCDIKGSYTAQFEHTILLRPTCKEVVSRGDDY
;
_entity_poly.pdbx_strand_id   A
#
# COMPACT_ATOMS: atom_id res chain seq x y z
N LYS A 1 -23.36 18.30 18.20
CA LYS A 1 -22.69 18.85 16.99
C LYS A 1 -22.30 17.75 16.01
N VAL A 2 -23.02 16.62 16.08
CA VAL A 2 -22.75 15.49 15.19
C VAL A 2 -23.32 15.76 13.80
N GLN A 3 -23.21 14.76 12.93
CA GLN A 3 -23.71 14.89 11.57
C GLN A 3 -23.67 13.55 10.85
N THR A 4 -23.64 13.63 9.52
CA THR A 4 -23.59 12.43 8.68
C THR A 4 -22.26 11.72 8.91
N ASP A 5 -22.22 10.44 8.54
CA ASP A 5 -21.02 9.63 8.68
C ASP A 5 -20.85 8.65 7.53
N PRO A 6 -21.96 8.20 6.91
CA PRO A 6 -21.80 7.26 5.80
C PRO A 6 -20.84 7.86 4.77
N PRO A 7 -20.06 7.00 4.10
CA PRO A 7 -19.08 7.42 3.09
C PRO A 7 -19.48 8.63 2.25
N SER A 8 -19.28 9.82 2.82
CA SER A 8 -19.60 11.07 2.14
C SER A 8 -19.03 12.27 2.90
N VAL A 9 -18.85 12.11 4.20
CA VAL A 9 -18.31 13.19 5.04
C VAL A 9 -16.79 13.08 5.18
N PRO A 10 -16.05 14.11 4.76
CA PRO A 10 -14.60 14.10 4.85
C PRO A 10 -14.14 13.82 6.29
N ILE A 11 -13.09 13.02 6.43
CA ILE A 11 -12.56 12.70 7.74
C ILE A 11 -12.25 13.98 8.51
N CYS A 12 -11.71 14.97 7.80
CA CYS A 12 -11.37 16.25 8.40
C CYS A 12 -12.58 16.86 9.10
N ASP A 13 -13.73 16.78 8.46
CA ASP A 13 -14.97 17.34 9.00
C ASP A 13 -15.53 16.54 10.17
N LEU A 14 -15.02 15.34 10.39
CA LEU A 14 -15.50 14.52 11.49
C LEU A 14 -14.75 14.83 12.78
N TYR A 15 -13.64 15.57 12.67
CA TYR A 15 -12.87 15.94 13.84
C TYR A 15 -12.59 17.44 13.87
N PRO A 16 -13.43 18.20 14.58
CA PRO A 16 -13.32 19.66 14.71
C PRO A 16 -11.99 20.17 15.29
N ASN A 17 -11.44 19.43 16.25
CA ASN A 17 -10.17 19.83 16.87
C ASN A 17 -8.96 19.55 15.99
N GLY A 18 -9.19 18.90 14.86
CA GLY A 18 -8.11 18.59 13.96
C GLY A 18 -7.16 17.51 14.46
N VAL A 19 -7.59 16.78 15.49
CA VAL A 19 -6.79 15.70 16.06
C VAL A 19 -7.42 14.38 15.63
N PHE A 20 -6.68 13.58 14.89
CA PHE A 20 -7.22 12.32 14.41
C PHE A 20 -6.81 11.13 15.28
N PRO A 21 -7.64 10.09 15.30
CA PRO A 21 -7.39 8.88 16.09
C PRO A 21 -6.08 8.16 15.80
N LYS A 22 -5.40 7.75 16.87
CA LYS A 22 -4.14 7.04 16.73
C LYS A 22 -4.45 5.61 16.32
N GLY A 23 -3.48 4.97 15.69
CA GLY A 23 -3.67 3.59 15.30
C GLY A 23 -3.26 2.74 16.49
N GLN A 24 -2.98 1.47 16.26
CA GLN A 24 -2.57 0.58 17.34
C GLN A 24 -1.16 0.91 17.79
N GLU A 25 -0.99 1.17 19.08
CA GLU A 25 0.30 1.50 19.65
C GLU A 25 0.91 0.29 20.36
N CYS A 26 2.09 -0.13 19.93
CA CYS A 26 2.77 -1.27 20.52
C CYS A 26 4.13 -0.88 21.07
N GLU A 27 4.56 -1.60 22.11
CA GLU A 27 5.85 -1.33 22.71
C GLU A 27 6.87 -2.00 21.78
N TYR A 28 8.04 -1.40 21.63
CA TYR A 28 9.06 -1.98 20.77
C TYR A 28 9.55 -3.31 21.32
N PRO A 29 9.75 -4.30 20.45
CA PRO A 29 10.22 -5.63 20.87
C PRO A 29 11.56 -5.58 21.60
N PRO A 30 11.75 -6.48 22.57
CA PRO A 30 13.00 -6.55 23.34
C PRO A 30 14.20 -6.89 22.47
N THR A 31 15.38 -6.91 23.07
CA THR A 31 16.61 -7.22 22.35
C THR A 31 17.29 -8.46 22.93
N GLN A 32 18.61 -8.51 22.83
CA GLN A 32 19.37 -9.64 23.35
C GLN A 32 19.33 -9.63 24.88
N ASP A 33 19.65 -8.49 25.46
CA ASP A 33 19.66 -8.33 26.91
C ASP A 33 18.23 -8.13 27.41
N GLY A 34 17.26 -8.54 26.61
CA GLY A 34 15.87 -8.39 27.00
C GLY A 34 15.49 -6.93 27.22
N ARG A 35 16.27 -6.03 26.63
CA ARG A 35 16.01 -4.60 26.75
C ARG A 35 14.64 -4.27 26.17
N THR A 36 13.65 -4.11 27.04
CA THR A 36 12.30 -3.80 26.62
C THR A 36 12.18 -2.35 26.17
N ALA A 37 10.98 -1.94 25.79
CA ALA A 37 10.74 -0.56 25.36
C ALA A 37 9.76 0.14 26.28
N ALA A 38 9.67 -0.35 27.51
CA ALA A 38 8.77 0.23 28.50
C ALA A 38 9.25 1.60 28.94
N TRP A 39 10.56 1.80 28.91
CA TRP A 39 11.15 3.08 29.31
C TRP A 39 10.91 4.13 28.25
N ARG A 40 11.07 3.74 26.99
CA ARG A 40 10.89 4.65 25.87
C ARG A 40 9.42 5.04 25.71
N THR A 41 8.54 4.29 26.35
CA THR A 41 7.11 4.54 26.28
C THR A 41 6.71 5.93 26.79
N THR A 42 7.47 6.45 27.74
CA THR A 42 7.17 7.76 28.30
C THR A 42 8.42 8.61 28.50
N SER A 43 9.58 8.05 28.16
CA SER A 43 10.84 8.76 28.29
C SER A 43 10.63 10.23 27.98
N GLU A 44 11.17 11.10 28.83
CA GLU A 44 11.03 12.55 28.65
C GLU A 44 11.69 13.03 27.36
N GLU A 45 12.87 12.49 27.06
CA GLU A 45 13.60 12.86 25.86
C GLU A 45 12.84 12.44 24.60
N LYS A 46 12.41 11.19 24.58
CA LYS A 46 11.68 10.65 23.44
C LYS A 46 10.30 11.28 23.29
N LYS A 47 9.63 11.47 24.42
CA LYS A 47 8.30 12.08 24.43
C LYS A 47 8.36 13.44 23.74
N ALA A 48 9.49 14.11 23.87
CA ALA A 48 9.68 15.42 23.26
C ALA A 48 9.89 15.25 21.76
N LEU A 49 10.76 14.33 21.38
CA LEU A 49 11.02 14.06 19.97
C LEU A 49 9.75 13.67 19.25
N ASP A 50 8.96 12.80 19.88
CA ASP A 50 7.72 12.34 19.30
C ASP A 50 6.75 13.50 19.13
N GLN A 51 6.58 14.28 20.19
CA GLN A 51 5.68 15.43 20.16
C GLN A 51 6.09 16.45 19.11
N ALA A 52 7.39 16.50 18.83
CA ALA A 52 7.92 17.43 17.83
C ALA A 52 7.38 17.15 16.43
N SER A 53 7.11 15.88 16.14
CA SER A 53 6.59 15.50 14.83
C SER A 53 5.12 15.11 14.90
N GLU A 54 4.42 15.62 15.91
CA GLU A 54 3.01 15.33 16.10
C GLU A 54 2.16 15.71 14.90
N GLU A 55 2.54 16.78 14.21
CA GLU A 55 1.80 17.23 13.04
C GLU A 55 1.92 16.18 11.93
N ILE A 56 3.08 15.55 11.84
CA ILE A 56 3.33 14.51 10.84
C ILE A 56 2.50 13.26 11.14
N TRP A 57 2.60 12.78 12.38
CA TRP A 57 1.86 11.59 12.79
C TRP A 57 0.38 11.83 12.56
N ASN A 58 -0.07 13.02 12.94
CA ASN A 58 -1.46 13.39 12.80
C ASN A 58 -1.96 13.29 11.36
N ASP A 59 -1.13 13.73 10.42
CA ASP A 59 -1.50 13.67 9.00
C ASP A 59 -1.65 12.21 8.56
N PHE A 60 -0.76 11.35 9.05
CA PHE A 60 -0.83 9.92 8.70
C PHE A 60 -2.12 9.34 9.25
N ARG A 61 -2.49 9.76 10.46
CA ARG A 61 -3.70 9.26 11.10
C ARG A 61 -4.96 9.67 10.35
N GLU A 62 -4.98 10.89 9.83
CA GLU A 62 -6.14 11.36 9.07
C GLU A 62 -6.28 10.52 7.81
N ALA A 63 -5.16 10.23 7.18
CA ALA A 63 -5.15 9.42 5.97
C ALA A 63 -5.53 7.98 6.29
N ALA A 64 -5.13 7.52 7.47
CA ALA A 64 -5.43 6.15 7.90
C ALA A 64 -6.93 5.97 8.19
N GLU A 65 -7.53 6.97 8.82
CA GLU A 65 -8.94 6.91 9.15
C GLU A 65 -9.73 6.88 7.85
N ALA A 66 -9.26 7.63 6.86
CA ALA A 66 -9.93 7.65 5.57
C ALA A 66 -9.82 6.24 4.98
N HIS A 67 -8.62 5.65 5.07
CA HIS A 67 -8.38 4.31 4.54
C HIS A 67 -9.29 3.26 5.20
N ARG A 68 -9.44 3.35 6.53
CA ARG A 68 -10.29 2.41 7.24
C ARG A 68 -11.74 2.53 6.80
N GLN A 69 -12.25 3.75 6.75
CA GLN A 69 -13.64 3.95 6.36
C GLN A 69 -13.91 3.58 4.90
N VAL A 70 -12.95 3.85 4.02
CA VAL A 70 -13.13 3.50 2.61
C VAL A 70 -13.18 1.99 2.42
N ARG A 71 -12.23 1.28 3.02
CA ARG A 71 -12.18 -0.17 2.87
C ARG A 71 -13.37 -0.89 3.50
N LYS A 72 -13.84 -0.39 4.65
CA LYS A 72 -14.99 -1.01 5.30
C LYS A 72 -16.16 -0.93 4.33
N TYR A 73 -16.26 0.21 3.65
CA TYR A 73 -17.30 0.47 2.67
C TYR A 73 -17.16 -0.53 1.51
N VAL A 74 -15.94 -0.63 0.98
CA VAL A 74 -15.66 -1.53 -0.13
C VAL A 74 -16.03 -2.97 0.17
N MET A 75 -15.68 -3.45 1.36
CA MET A 75 -15.99 -4.82 1.75
C MET A 75 -17.49 -5.10 1.78
N SER A 76 -18.30 -4.07 2.01
CA SER A 76 -19.74 -4.26 2.07
C SER A 76 -20.39 -4.48 0.71
N TRP A 77 -19.76 -4.01 -0.36
CA TRP A 77 -20.37 -4.16 -1.68
C TRP A 77 -19.58 -4.85 -2.78
N ILE A 78 -18.29 -5.06 -2.59
CA ILE A 78 -17.52 -5.71 -3.63
C ILE A 78 -18.05 -7.13 -3.82
N LYS A 79 -18.42 -7.47 -5.05
CA LYS A 79 -19.01 -8.78 -5.35
C LYS A 79 -18.71 -9.22 -6.76
N PRO A 80 -18.69 -10.54 -6.99
CA PRO A 80 -18.42 -11.01 -8.35
C PRO A 80 -19.55 -10.47 -9.23
N GLY A 81 -19.26 -10.24 -10.50
CA GLY A 81 -20.26 -9.68 -11.39
C GLY A 81 -19.89 -8.25 -11.72
N MET A 82 -19.27 -7.56 -10.76
CA MET A 82 -18.84 -6.18 -10.98
C MET A 82 -17.61 -6.17 -11.85
N THR A 83 -17.45 -5.16 -12.71
CA THR A 83 -16.26 -5.09 -13.53
C THR A 83 -15.17 -4.49 -12.65
N MET A 84 -13.92 -4.72 -12.98
CA MET A 84 -12.84 -4.18 -12.17
C MET A 84 -12.88 -2.65 -12.22
N ILE A 85 -13.31 -2.11 -13.35
CA ILE A 85 -13.40 -0.66 -13.49
C ILE A 85 -14.47 -0.12 -12.53
N GLU A 86 -15.63 -0.78 -12.49
CA GLU A 86 -16.70 -0.36 -11.60
C GLU A 86 -16.22 -0.37 -10.15
N ILE A 87 -15.46 -1.41 -9.80
CA ILE A 87 -14.95 -1.52 -8.43
C ILE A 87 -14.00 -0.38 -8.07
N CYS A 88 -13.03 -0.13 -8.93
CA CYS A 88 -12.03 0.91 -8.67
C CYS A 88 -12.63 2.32 -8.66
N GLU A 89 -13.56 2.58 -9.57
CA GLU A 89 -14.17 3.91 -9.62
C GLU A 89 -15.02 4.18 -8.40
N LYS A 90 -15.78 3.17 -7.96
CA LYS A 90 -16.63 3.31 -6.78
C LYS A 90 -15.76 3.52 -5.53
N LEU A 91 -14.64 2.80 -5.46
CA LEU A 91 -13.74 2.91 -4.33
C LEU A 91 -13.06 4.28 -4.35
N GLU A 92 -12.50 4.64 -5.49
CA GLU A 92 -11.82 5.92 -5.62
C GLU A 92 -12.75 7.11 -5.41
N ASP A 93 -13.99 7.00 -5.86
CA ASP A 93 -14.94 8.08 -5.67
C ASP A 93 -15.09 8.37 -4.18
N CYS A 94 -15.20 7.31 -3.38
CA CYS A 94 -15.36 7.45 -1.95
C CYS A 94 -14.07 7.96 -1.32
N SER A 95 -12.95 7.39 -1.72
CA SER A 95 -11.66 7.78 -1.19
C SER A 95 -11.43 9.28 -1.38
N ARG A 96 -11.67 9.77 -2.59
CA ARG A 96 -11.50 11.19 -2.87
C ARG A 96 -12.33 12.07 -1.95
N LYS A 97 -13.55 11.64 -1.66
CA LYS A 97 -14.43 12.41 -0.79
C LYS A 97 -14.02 12.39 0.67
N LEU A 98 -13.62 11.23 1.17
CA LEU A 98 -13.23 11.13 2.57
C LEU A 98 -11.89 11.79 2.88
N ILE A 99 -10.95 11.72 1.93
CA ILE A 99 -9.64 12.33 2.14
C ILE A 99 -9.71 13.83 1.86
N LYS A 100 -10.85 14.28 1.31
CA LYS A 100 -11.06 15.68 0.97
C LYS A 100 -9.99 16.12 -0.01
N GLU A 101 -9.94 15.44 -1.14
CA GLU A 101 -8.94 15.71 -2.17
C GLU A 101 -8.74 17.20 -2.38
N ASN A 102 -7.48 17.62 -2.38
CA ASN A 102 -7.12 19.02 -2.57
C ASN A 102 -5.76 19.09 -3.25
N GLY A 103 -5.74 18.84 -4.56
CA GLY A 103 -4.49 18.90 -5.29
C GLY A 103 -3.46 17.98 -4.67
N LEU A 104 -2.23 18.47 -4.49
CA LEU A 104 -1.17 17.66 -3.90
C LEU A 104 -1.15 17.73 -2.38
N ASN A 105 -2.08 18.48 -1.80
CA ASN A 105 -2.16 18.63 -0.36
C ASN A 105 -2.91 17.49 0.31
N ALA A 106 -3.81 16.85 -0.44
CA ALA A 106 -4.58 15.72 0.07
C ALA A 106 -5.17 14.97 -1.11
N GLY A 107 -5.15 13.65 -1.06
CA GLY A 107 -5.71 12.89 -2.16
C GLY A 107 -5.35 11.43 -2.17
N LEU A 108 -5.43 10.82 -3.36
CA LEU A 108 -5.12 9.41 -3.53
C LEU A 108 -3.60 9.28 -3.71
N ALA A 109 -2.97 8.47 -2.87
CA ALA A 109 -1.51 8.30 -2.93
C ALA A 109 -1.05 7.50 -4.14
N PHE A 110 -1.88 6.57 -4.58
CA PHE A 110 -1.56 5.75 -5.75
C PHE A 110 -2.81 5.06 -6.26
N PRO A 111 -2.76 4.51 -7.47
CA PRO A 111 -3.90 3.82 -8.09
C PRO A 111 -4.39 2.63 -7.29
N THR A 112 -5.67 2.33 -7.44
CA THR A 112 -6.28 1.22 -6.74
C THR A 112 -5.87 -0.12 -7.33
N GLY A 113 -5.02 -0.84 -6.63
CA GLY A 113 -4.62 -2.15 -7.09
C GLY A 113 -5.77 -3.12 -6.84
N CYS A 114 -6.02 -4.01 -7.79
CA CYS A 114 -7.08 -5.00 -7.65
C CYS A 114 -6.62 -6.26 -8.38
N SER A 115 -5.33 -6.55 -8.23
CA SER A 115 -4.69 -7.69 -8.88
C SER A 115 -5.40 -9.00 -8.60
N LEU A 116 -5.61 -9.76 -9.67
CA LEU A 116 -6.34 -11.03 -9.58
C LEU A 116 -5.55 -12.32 -9.73
N ASN A 117 -5.87 -13.26 -8.85
CA ASN A 117 -5.31 -14.59 -8.87
C ASN A 117 -3.80 -14.68 -8.88
N ASN A 118 -3.20 -15.15 -9.97
CA ASN A 118 -1.75 -15.27 -10.03
C ASN A 118 -1.08 -13.90 -9.99
N CYS A 119 -1.79 -12.85 -10.40
CA CYS A 119 -1.19 -11.53 -10.34
C CYS A 119 -1.31 -11.03 -8.90
N ALA A 120 -0.18 -10.58 -8.36
CA ALA A 120 -0.09 -10.14 -6.98
C ALA A 120 -0.17 -8.65 -6.74
N ALA A 121 0.29 -7.85 -7.69
CA ALA A 121 0.28 -6.41 -7.52
C ALA A 121 0.37 -5.62 -8.80
N HIS A 122 0.10 -4.34 -8.64
CA HIS A 122 0.16 -3.35 -9.70
C HIS A 122 -0.75 -3.48 -10.91
N TYR A 123 -1.87 -4.16 -10.74
CA TYR A 123 -2.84 -4.24 -11.80
C TYR A 123 -4.04 -3.39 -11.40
N THR A 124 -4.45 -2.53 -12.30
CA THR A 124 -5.65 -1.72 -12.12
C THR A 124 -6.09 -1.61 -13.58
N PRO A 125 -7.39 -1.69 -13.84
CA PRO A 125 -7.82 -1.59 -15.24
C PRO A 125 -7.58 -0.25 -15.91
N ASN A 126 -7.32 -0.32 -17.22
CA ASN A 126 -7.16 0.87 -18.05
C ASN A 126 -8.51 0.98 -18.75
N ALA A 127 -8.74 2.07 -19.45
CA ALA A 127 -10.00 2.26 -20.18
C ALA A 127 -10.27 1.08 -21.11
N GLY A 128 -11.53 0.65 -21.19
CA GLY A 128 -11.88 -0.46 -22.05
C GLY A 128 -11.69 -1.86 -21.50
N ASP A 129 -11.09 -1.97 -20.31
CA ASP A 129 -10.88 -3.29 -19.70
C ASP A 129 -12.24 -3.90 -19.33
N THR A 130 -12.59 -5.01 -19.95
CA THR A 130 -13.88 -5.64 -19.67
C THR A 130 -13.84 -6.73 -18.60
N THR A 131 -12.71 -6.85 -17.91
CA THR A 131 -12.58 -7.87 -16.89
C THR A 131 -13.65 -7.79 -15.82
N VAL A 132 -14.22 -8.94 -15.49
CA VAL A 132 -15.27 -9.04 -14.48
C VAL A 132 -14.79 -9.92 -13.32
N LEU A 133 -15.00 -9.43 -12.09
CA LEU A 133 -14.60 -10.17 -10.91
C LEU A 133 -15.43 -11.45 -10.81
N GLN A 134 -14.76 -12.59 -10.61
CA GLN A 134 -15.44 -13.88 -10.52
C GLN A 134 -15.50 -14.46 -9.11
N TYR A 135 -16.45 -15.37 -8.88
CA TYR A 135 -16.63 -16.00 -7.57
C TYR A 135 -15.34 -16.65 -7.06
N ASP A 136 -14.59 -17.26 -7.97
CA ASP A 136 -13.34 -17.93 -7.60
C ASP A 136 -12.10 -17.04 -7.67
N ASP A 137 -12.30 -15.74 -7.87
CA ASP A 137 -11.16 -14.83 -7.96
C ASP A 137 -10.59 -14.50 -6.58
N ILE A 138 -9.28 -14.26 -6.53
CA ILE A 138 -8.65 -13.85 -5.27
C ILE A 138 -8.07 -12.50 -5.65
N CYS A 139 -8.75 -11.46 -5.19
CA CYS A 139 -8.43 -10.07 -5.51
C CYS A 139 -7.72 -9.30 -4.39
N LYS A 140 -6.56 -8.72 -4.71
CA LYS A 140 -5.81 -7.94 -3.73
C LYS A 140 -6.15 -6.46 -3.91
N ILE A 141 -6.91 -5.92 -2.96
CA ILE A 141 -7.29 -4.50 -2.98
C ILE A 141 -6.20 -3.74 -2.24
N ASP A 142 -5.44 -2.95 -3.00
CA ASP A 142 -4.33 -2.18 -2.45
C ASP A 142 -4.47 -0.73 -2.89
N PHE A 143 -4.89 0.13 -1.97
CA PHE A 143 -5.06 1.53 -2.32
C PHE A 143 -4.44 2.43 -1.28
N GLY A 144 -4.12 3.66 -1.67
CA GLY A 144 -3.49 4.58 -0.74
C GLY A 144 -4.08 5.96 -0.69
N THR A 145 -3.94 6.56 0.49
CA THR A 145 -4.42 7.91 0.75
C THR A 145 -3.27 8.68 1.34
N HIS A 146 -3.34 10.00 1.29
CA HIS A 146 -2.27 10.81 1.86
C HIS A 146 -2.76 12.19 2.22
N ILE A 147 -2.09 12.77 3.21
CA ILE A 147 -2.35 14.12 3.65
C ILE A 147 -0.96 14.73 3.65
N SER A 148 -0.77 15.78 2.86
CA SER A 148 0.52 16.45 2.76
C SER A 148 1.66 15.50 2.43
N GLY A 149 1.39 14.50 1.59
CA GLY A 149 2.45 13.58 1.21
C GLY A 149 2.76 12.50 2.23
N ARG A 150 2.01 12.46 3.33
CA ARG A 150 2.20 11.43 4.35
C ARG A 150 1.28 10.32 3.86
N ILE A 151 1.89 9.30 3.29
CA ILE A 151 1.18 8.19 2.66
C ILE A 151 0.81 6.97 3.49
N ILE A 152 -0.41 6.48 3.29
CA ILE A 152 -0.86 5.27 3.96
C ILE A 152 -0.97 4.22 2.86
N ASP A 153 -0.11 3.21 2.95
CA ASP A 153 -0.10 2.12 1.98
C ASP A 153 -0.63 0.93 2.79
N CYS A 154 -1.86 0.52 2.47
CA CYS A 154 -2.51 -0.54 3.22
C CYS A 154 -3.30 -1.42 2.26
N ALA A 155 -3.26 -2.74 2.46
CA ALA A 155 -3.98 -3.63 1.55
C ALA A 155 -4.51 -4.91 2.17
N PHE A 156 -5.53 -5.47 1.55
CA PHE A 156 -6.14 -6.69 2.04
C PHE A 156 -6.56 -7.54 0.85
N THR A 157 -6.93 -8.78 1.12
CA THR A 157 -7.34 -9.66 0.05
C THR A 157 -8.80 -10.03 0.11
N VAL A 158 -9.45 -9.97 -1.05
CA VAL A 158 -10.87 -10.27 -1.18
C VAL A 158 -11.10 -11.61 -1.88
N THR A 159 -11.93 -12.43 -1.26
CA THR A 159 -12.30 -13.74 -1.80
C THR A 159 -13.77 -13.96 -1.52
N PHE A 160 -14.35 -14.92 -2.22
CA PHE A 160 -15.77 -15.27 -2.06
C PHE A 160 -15.90 -16.77 -1.82
N ASN A 161 -14.90 -17.50 -2.28
CA ASN A 161 -14.87 -18.96 -2.10
C ASN A 161 -14.01 -19.26 -0.89
N PRO A 162 -14.57 -19.94 0.12
CA PRO A 162 -13.84 -20.28 1.34
C PRO A 162 -12.61 -21.17 1.14
N LYS A 163 -12.42 -21.70 -0.07
CA LYS A 163 -11.29 -22.56 -0.33
C LYS A 163 -9.95 -21.84 -0.16
N TYR A 164 -9.97 -20.50 -0.20
CA TYR A 164 -8.73 -19.73 -0.06
C TYR A 164 -8.50 -19.28 1.38
N ASP A 165 -9.45 -19.55 2.26
CA ASP A 165 -9.34 -19.13 3.66
C ASP A 165 -8.00 -19.34 4.36
N THR A 166 -7.43 -20.53 4.27
CA THR A 166 -6.17 -20.76 4.95
C THR A 166 -5.00 -20.02 4.28
N LEU A 167 -5.09 -19.80 2.98
CA LEU A 167 -4.05 -19.06 2.27
C LEU A 167 -4.07 -17.62 2.79
N LEU A 168 -5.27 -17.05 2.93
CA LEU A 168 -5.39 -15.68 3.42
C LEU A 168 -4.92 -15.60 4.87
N LYS A 169 -5.24 -16.61 5.66
CA LYS A 169 -4.85 -16.62 7.06
C LYS A 169 -3.32 -16.64 7.15
N ALA A 170 -2.70 -17.44 6.31
CA ALA A 170 -1.24 -17.56 6.30
C ALA A 170 -0.58 -16.23 6.04
N VAL A 171 -1.03 -15.53 5.01
CA VAL A 171 -0.45 -14.23 4.66
C VAL A 171 -0.78 -13.18 5.72
N LYS A 172 -1.99 -13.22 6.26
CA LYS A 172 -2.35 -12.24 7.28
C LYS A 172 -1.47 -12.45 8.53
N ASP A 173 -1.23 -13.70 8.89
CA ASP A 173 -0.40 -14.03 10.05
C ASP A 173 1.05 -13.61 9.75
N ALA A 174 1.48 -13.83 8.53
CA ALA A 174 2.84 -13.47 8.14
C ALA A 174 3.03 -11.95 8.24
N THR A 175 2.04 -11.21 7.77
CA THR A 175 2.14 -9.76 7.82
C THR A 175 2.14 -9.28 9.27
N ASN A 176 1.28 -9.84 10.11
CA ASN A 176 1.26 -9.43 11.50
C ASN A 176 2.57 -9.78 12.22
N THR A 177 3.22 -10.86 11.77
CA THR A 177 4.49 -11.28 12.35
C THR A 177 5.54 -10.23 11.98
N GLY A 178 5.51 -9.79 10.72
CA GLY A 178 6.44 -8.77 10.27
C GLY A 178 6.22 -7.49 11.06
N ILE A 179 4.96 -7.16 11.29
CA ILE A 179 4.62 -5.96 12.05
C ILE A 179 5.11 -6.06 13.50
N LYS A 180 5.00 -7.24 14.08
CA LYS A 180 5.43 -7.45 15.45
C LYS A 180 6.95 -7.40 15.58
N CYS A 181 7.64 -7.97 14.61
CA CYS A 181 9.10 -8.02 14.61
C CYS A 181 9.72 -6.64 14.35
N ALA A 182 9.03 -5.83 13.56
CA ALA A 182 9.52 -4.50 13.22
C ALA A 182 9.81 -3.63 14.43
N GLY A 183 10.81 -2.78 14.32
CA GLY A 183 11.16 -1.90 15.42
C GLY A 183 12.46 -1.16 15.20
N ILE A 184 12.73 -0.19 16.07
CA ILE A 184 13.94 0.58 15.99
C ILE A 184 15.15 -0.31 16.28
N ASP A 185 16.16 -0.24 15.43
CA ASP A 185 17.38 -1.04 15.57
C ASP A 185 17.21 -2.48 15.11
N VAL A 186 16.02 -2.83 14.64
CA VAL A 186 15.78 -4.19 14.16
C VAL A 186 16.34 -4.30 12.74
N ARG A 187 17.08 -5.39 12.47
CA ARG A 187 17.66 -5.60 11.16
C ARG A 187 16.57 -6.07 10.20
N LEU A 188 16.52 -5.48 9.01
CA LEU A 188 15.51 -5.85 8.02
C LEU A 188 15.50 -7.33 7.68
N CYS A 189 16.69 -7.93 7.60
CA CYS A 189 16.78 -9.35 7.25
C CYS A 189 16.12 -10.24 8.30
N ASP A 190 16.11 -9.79 9.54
CA ASP A 190 15.48 -10.58 10.61
C ASP A 190 13.97 -10.56 10.45
N VAL A 191 13.44 -9.42 10.00
CA VAL A 191 12.02 -9.28 9.78
C VAL A 191 11.60 -10.23 8.66
N GLY A 192 12.42 -10.28 7.61
CA GLY A 192 12.13 -11.14 6.47
C GLY A 192 12.19 -12.62 6.82
N GLU A 193 13.17 -12.99 7.66
CA GLU A 193 13.31 -14.38 8.06
C GLU A 193 12.13 -14.79 8.93
N ALA A 194 11.71 -13.88 9.81
CA ALA A 194 10.58 -14.14 10.70
C ALA A 194 9.30 -14.31 9.89
N ILE A 195 9.13 -13.46 8.89
CA ILE A 195 7.95 -13.51 8.03
C ILE A 195 7.88 -14.85 7.27
N GLN A 196 9.01 -15.26 6.70
CA GLN A 196 9.05 -16.51 5.93
C GLN A 196 8.75 -17.71 6.81
N GLU A 197 9.25 -17.71 8.04
CA GLU A 197 9.03 -18.83 8.94
C GLU A 197 7.54 -19.05 9.21
N VAL A 198 6.83 -17.97 9.52
CA VAL A 198 5.40 -18.07 9.76
C VAL A 198 4.67 -18.47 8.48
N MET A 199 4.95 -17.74 7.42
CA MET A 199 4.32 -18.00 6.13
C MET A 199 4.39 -19.47 5.73
N GLU A 200 5.59 -20.04 5.79
CA GLU A 200 5.81 -21.43 5.40
C GLU A 200 5.32 -22.48 6.39
N SER A 201 4.86 -22.04 7.56
CA SER A 201 4.35 -22.99 8.54
C SER A 201 2.92 -23.35 8.15
N TYR A 202 2.43 -22.72 7.09
CA TYR A 202 1.08 -22.97 6.60
C TYR A 202 1.04 -23.85 5.36
N GLU A 203 0.18 -24.87 5.40
CA GLU A 203 0.00 -25.74 4.25
C GLU A 203 -1.48 -25.56 3.93
N VAL A 204 -1.80 -25.50 2.64
CA VAL A 204 -3.19 -25.30 2.26
C VAL A 204 -3.61 -26.29 1.19
N GLU A 205 -4.91 -26.51 1.08
CA GLU A 205 -5.45 -27.41 0.08
C GLU A 205 -6.51 -26.65 -0.71
N ILE A 206 -6.30 -26.57 -2.02
CA ILE A 206 -7.22 -25.88 -2.91
C ILE A 206 -7.51 -26.78 -4.11
N ASP A 207 -8.79 -27.10 -4.28
CA ASP A 207 -9.25 -27.95 -5.37
C ASP A 207 -8.53 -29.29 -5.44
N GLY A 208 -8.39 -29.94 -4.29
CA GLY A 208 -7.74 -31.24 -4.25
C GLY A 208 -6.22 -31.27 -4.19
N LYS A 209 -5.58 -30.12 -4.45
CA LYS A 209 -4.12 -30.07 -4.42
C LYS A 209 -3.63 -29.37 -3.15
N THR A 210 -2.53 -29.84 -2.59
CA THR A 210 -2.00 -29.21 -1.38
C THR A 210 -0.76 -28.40 -1.70
N TYR A 211 -0.51 -27.36 -0.92
CA TYR A 211 0.65 -26.51 -1.14
C TYR A 211 1.18 -25.95 0.17
N GLN A 212 2.49 -25.70 0.20
CA GLN A 212 3.09 -25.07 1.36
C GLN A 212 3.21 -23.63 0.87
N VAL A 213 2.47 -22.73 1.51
CA VAL A 213 2.49 -21.33 1.11
C VAL A 213 3.91 -20.78 0.98
N LYS A 214 4.18 -20.10 -0.12
CA LYS A 214 5.50 -19.53 -0.36
C LYS A 214 5.46 -18.01 -0.38
N PRO A 215 6.41 -17.37 0.31
CA PRO A 215 6.38 -15.89 0.27
C PRO A 215 6.89 -15.57 -1.13
N ILE A 216 6.41 -14.48 -1.72
CA ILE A 216 6.90 -14.11 -3.05
C ILE A 216 8.22 -13.40 -2.81
N ARG A 217 9.31 -14.12 -3.05
CA ARG A 217 10.65 -13.62 -2.79
C ARG A 217 11.09 -12.30 -3.39
N ASN A 218 10.63 -11.96 -4.59
CA ASN A 218 11.04 -10.69 -5.16
C ASN A 218 10.05 -9.55 -4.94
N LEU A 219 9.20 -9.73 -3.94
CA LEU A 219 8.24 -8.71 -3.54
C LEU A 219 8.64 -8.37 -2.12
N ASN A 220 8.24 -7.21 -1.63
CA ASN A 220 8.65 -6.83 -0.28
C ASN A 220 8.00 -5.57 0.24
N GLY A 221 8.27 -5.28 1.51
CA GLY A 221 7.77 -4.09 2.15
C GLY A 221 8.77 -2.99 1.85
N HIS A 222 8.57 -1.80 2.38
CA HIS A 222 9.49 -0.71 2.07
C HIS A 222 9.31 0.50 2.96
N SER A 223 10.36 1.29 3.09
CA SER A 223 10.28 2.50 3.89
C SER A 223 9.45 3.48 3.05
N ILE A 224 8.84 4.45 3.71
CA ILE A 224 8.02 5.44 3.03
C ILE A 224 8.49 6.85 3.33
N GLY A 225 8.57 7.68 2.30
CA GLY A 225 9.00 9.06 2.47
C GLY A 225 7.90 10.03 2.05
N GLN A 226 8.07 11.31 2.34
CA GLN A 226 7.05 12.28 1.97
C GLN A 226 6.93 12.30 0.44
N TYR A 227 5.74 11.99 -0.04
CA TYR A 227 5.45 11.95 -1.47
C TYR A 227 6.31 10.89 -2.18
N ARG A 228 6.88 9.98 -1.39
CA ARG A 228 7.73 8.93 -1.94
C ARG A 228 7.35 7.56 -1.39
N ILE A 229 6.50 6.85 -2.12
CA ILE A 229 6.01 5.54 -1.72
C ILE A 229 7.15 4.58 -1.33
N HIS A 230 8.26 4.63 -2.05
CA HIS A 230 9.39 3.78 -1.72
C HIS A 230 10.61 4.67 -1.50
N ALA A 231 10.83 5.04 -0.24
CA ALA A 231 11.91 5.93 0.15
C ALA A 231 13.33 5.39 -0.04
N GLY A 232 13.50 4.08 -0.05
CA GLY A 232 14.83 3.54 -0.23
C GLY A 232 15.12 2.19 0.42
N LYS A 233 14.66 2.00 1.64
CA LYS A 233 14.89 0.73 2.33
C LYS A 233 13.80 -0.27 1.98
N THR A 234 14.18 -1.55 1.89
CA THR A 234 13.21 -2.58 1.55
C THR A 234 13.10 -3.60 2.67
N VAL A 235 11.88 -4.10 2.89
CA VAL A 235 11.63 -5.11 3.92
C VAL A 235 11.37 -6.41 3.16
N PRO A 236 12.40 -7.27 3.07
CA PRO A 236 12.40 -8.58 2.39
C PRO A 236 11.05 -9.30 2.26
N ILE A 237 10.97 -10.46 2.90
CA ILE A 237 9.78 -11.31 2.91
C ILE A 237 10.28 -12.75 3.04
N ILE A 238 11.57 -12.92 2.84
CA ILE A 238 12.23 -14.22 2.95
C ILE A 238 13.56 -14.01 3.64
N LYS A 239 14.20 -15.09 4.07
CA LYS A 239 15.48 -15.03 4.75
C LYS A 239 16.55 -14.55 3.78
N GLY A 240 17.70 -14.16 4.32
CA GLY A 240 18.79 -13.70 3.50
C GLY A 240 18.45 -12.50 2.63
N GLY A 241 18.38 -11.33 3.26
CA GLY A 241 18.08 -10.13 2.51
C GLY A 241 18.04 -8.87 3.37
N GLU A 242 18.72 -7.83 2.90
CA GLU A 242 18.75 -6.55 3.60
C GLU A 242 19.54 -6.54 4.90
N ALA A 243 20.78 -6.10 4.81
CA ALA A 243 21.65 -6.04 5.97
C ALA A 243 21.63 -4.61 6.53
N THR A 244 20.42 -4.11 6.80
CA THR A 244 20.25 -2.76 7.33
C THR A 244 19.24 -2.76 8.46
N ARG A 245 19.33 -1.76 9.33
CA ARG A 245 18.42 -1.66 10.46
C ARG A 245 17.37 -0.58 10.29
N MET A 246 16.20 -0.78 10.88
CA MET A 246 15.14 0.21 10.83
C MET A 246 15.56 1.31 11.79
N GLU A 247 15.20 2.56 11.47
CA GLU A 247 15.59 3.66 12.31
C GLU A 247 14.45 4.47 12.90
N GLU A 248 14.73 5.14 14.01
CA GLU A 248 13.75 5.98 14.70
C GLU A 248 13.21 7.07 13.77
N GLY A 249 11.89 7.22 13.75
CA GLY A 249 11.28 8.25 12.91
C GLY A 249 10.91 7.77 11.51
N GLU A 250 11.33 6.57 11.17
CA GLU A 250 11.03 6.01 9.86
C GLU A 250 9.60 5.48 9.80
N VAL A 251 9.10 5.37 8.58
CA VAL A 251 7.75 4.88 8.34
C VAL A 251 7.89 3.73 7.35
N TYR A 252 7.23 2.62 7.64
CA TYR A 252 7.31 1.46 6.76
C TYR A 252 5.98 0.85 6.34
N ALA A 253 5.99 0.30 5.13
CA ALA A 253 4.85 -0.40 4.59
C ALA A 253 5.25 -1.86 4.83
N ILE A 254 4.59 -2.50 5.79
CA ILE A 254 4.88 -3.89 6.07
C ILE A 254 3.84 -4.73 5.33
N GLU A 255 4.28 -5.37 4.26
CA GLU A 255 3.39 -6.19 3.46
C GLU A 255 4.05 -7.52 3.15
N THR A 256 3.23 -8.55 3.01
CA THR A 256 3.74 -9.85 2.68
C THR A 256 2.81 -10.41 1.60
N PHE A 257 3.37 -11.24 0.73
CA PHE A 257 2.63 -11.86 -0.34
C PHE A 257 2.89 -13.35 -0.26
N GLY A 258 1.83 -14.14 -0.34
CA GLY A 258 1.98 -15.59 -0.30
C GLY A 258 1.50 -16.15 -1.63
N SER A 259 2.11 -17.23 -2.08
CA SER A 259 1.72 -17.81 -3.36
C SER A 259 1.77 -19.33 -3.42
N THR A 260 0.92 -19.90 -4.27
CA THR A 260 0.88 -21.34 -4.45
C THR A 260 1.70 -21.69 -5.71
N GLY A 261 2.28 -20.67 -6.33
CA GLY A 261 3.07 -20.87 -7.54
C GLY A 261 4.57 -20.98 -7.24
N LYS A 262 5.40 -20.34 -8.06
CA LYS A 262 6.83 -20.39 -7.86
C LYS A 262 7.32 -19.48 -6.74
N GLY A 263 6.48 -18.53 -6.33
CA GLY A 263 6.89 -17.63 -5.28
C GLY A 263 7.78 -16.53 -5.85
N VAL A 264 7.55 -16.24 -7.13
CA VAL A 264 8.30 -15.22 -7.85
C VAL A 264 7.36 -14.56 -8.83
N VAL A 265 7.44 -13.25 -8.95
CA VAL A 265 6.59 -12.53 -9.89
C VAL A 265 7.40 -11.95 -11.03
N HIS A 266 6.73 -11.71 -12.15
CA HIS A 266 7.35 -11.15 -13.33
C HIS A 266 6.37 -10.18 -13.96
N ASP A 267 6.88 -9.26 -14.77
CA ASP A 267 6.03 -8.29 -15.45
C ASP A 267 5.10 -9.03 -16.39
N ASP A 268 3.83 -8.63 -16.42
CA ASP A 268 2.89 -9.27 -17.32
C ASP A 268 1.66 -8.42 -17.54
N MET A 269 1.09 -8.53 -18.72
CA MET A 269 -0.10 -7.79 -19.12
C MET A 269 0.20 -6.32 -19.36
N GLU A 270 -0.82 -5.59 -19.81
CA GLU A 270 -0.68 -4.18 -20.12
C GLU A 270 -0.37 -3.36 -18.86
N CYS A 271 0.47 -2.34 -19.02
CA CYS A 271 0.85 -1.49 -17.90
C CYS A 271 -0.20 -0.42 -17.65
N SER A 272 -0.46 -0.14 -16.38
CA SER A 272 -1.43 0.86 -15.99
C SER A 272 -0.87 1.86 -14.99
N HIS A 273 0.09 1.41 -14.17
CA HIS A 273 0.72 2.26 -13.15
C HIS A 273 1.99 2.93 -13.66
N TYR A 274 2.14 4.21 -13.32
CA TYR A 274 3.30 5.00 -13.71
C TYR A 274 3.63 5.93 -12.57
N MET A 275 4.89 6.37 -12.51
CA MET A 275 5.30 7.28 -11.46
C MET A 275 6.59 8.01 -11.84
N LYS A 276 6.59 9.33 -11.65
CA LYS A 276 7.74 10.16 -11.97
C LYS A 276 8.92 9.74 -11.10
N ASN A 277 10.11 9.66 -11.70
CA ASN A 277 11.30 9.28 -10.95
C ASN A 277 11.52 10.37 -9.91
N PHE A 278 11.61 9.96 -8.66
CA PHE A 278 11.79 10.91 -7.56
C PHE A 278 13.05 11.75 -7.71
N ASP A 279 14.11 11.13 -8.21
CA ASP A 279 15.41 11.79 -8.38
C ASP A 279 15.57 12.66 -9.62
N VAL A 280 14.77 12.43 -10.65
CA VAL A 280 14.88 13.23 -11.86
C VAL A 280 14.44 14.67 -11.62
N GLY A 281 15.31 15.62 -11.96
CA GLY A 281 14.98 17.01 -11.76
C GLY A 281 14.25 17.59 -12.96
N HIS A 282 14.16 18.91 -13.03
CA HIS A 282 13.49 19.58 -14.13
C HIS A 282 14.16 19.23 -15.46
N VAL A 283 13.35 18.90 -16.45
CA VAL A 283 13.88 18.57 -17.76
C VAL A 283 13.13 19.36 -18.82
N PRO A 284 13.82 20.26 -19.53
CA PRO A 284 13.20 21.06 -20.58
C PRO A 284 12.72 20.17 -21.72
N ILE A 285 11.44 20.31 -22.09
CA ILE A 285 10.89 19.52 -23.17
C ILE A 285 10.17 20.40 -24.18
N ARG A 286 10.53 20.25 -25.45
CA ARG A 286 9.92 21.04 -26.51
C ARG A 286 8.77 20.30 -27.19
N LEU A 287 8.89 18.98 -27.30
CA LEU A 287 7.82 18.20 -27.92
C LEU A 287 6.52 18.59 -27.22
N PRO A 288 5.60 19.24 -27.96
CA PRO A 288 4.29 19.71 -27.49
C PRO A 288 3.47 18.77 -26.61
N ARG A 289 3.11 17.62 -27.15
CA ARG A 289 2.29 16.66 -26.42
C ARG A 289 3.00 16.07 -25.21
N THR A 290 4.29 15.81 -25.35
CA THR A 290 5.08 15.25 -24.27
C THR A 290 5.24 16.30 -23.17
N LYS A 291 5.47 17.55 -23.60
CA LYS A 291 5.63 18.67 -22.67
C LYS A 291 4.35 18.84 -21.85
N HIS A 292 3.22 18.88 -22.54
CA HIS A 292 1.94 19.06 -21.86
C HIS A 292 1.63 17.95 -20.87
N LEU A 293 1.89 16.70 -21.25
CA LEU A 293 1.62 15.59 -20.35
C LEU A 293 2.49 15.67 -19.10
N LEU A 294 3.76 16.01 -19.27
CA LEU A 294 4.64 16.12 -18.11
C LEU A 294 4.12 17.20 -17.18
N ASN A 295 3.65 18.31 -17.75
CA ASN A 295 3.11 19.39 -16.94
C ASN A 295 1.89 18.89 -16.17
N VAL A 296 1.01 18.18 -16.87
CA VAL A 296 -0.18 17.64 -16.24
C VAL A 296 0.21 16.71 -15.09
N ILE A 297 1.22 15.88 -15.33
CA ILE A 297 1.68 14.96 -14.30
C ILE A 297 2.25 15.73 -13.10
N ASN A 298 3.07 16.74 -13.36
CA ASN A 298 3.65 17.52 -12.27
C ASN A 298 2.62 18.25 -11.44
N GLU A 299 1.60 18.79 -12.10
CA GLU A 299 0.54 19.52 -11.44
C GLU A 299 -0.39 18.65 -10.62
N ASN A 300 -0.72 17.48 -11.16
CA ASN A 300 -1.67 16.58 -10.51
C ASN A 300 -1.11 15.46 -9.64
N PHE A 301 0.07 14.98 -9.96
CA PHE A 301 0.62 13.86 -9.21
C PHE A 301 1.97 14.10 -8.56
N GLY A 302 2.76 15.01 -9.12
CA GLY A 302 4.07 15.23 -8.56
C GLY A 302 4.82 13.91 -8.64
N THR A 303 5.37 13.46 -7.51
CA THR A 303 6.10 12.20 -7.47
C THR A 303 5.26 11.03 -7.00
N LEU A 304 3.95 11.24 -6.90
CA LEU A 304 3.00 10.19 -6.50
C LEU A 304 2.62 9.36 -7.73
N ALA A 305 2.39 8.06 -7.55
CA ALA A 305 2.04 7.20 -8.67
C ALA A 305 0.63 7.52 -9.18
N PHE A 306 0.41 7.27 -10.46
CA PHE A 306 -0.88 7.50 -11.10
C PHE A 306 -1.14 6.38 -12.10
N CYS A 307 -2.31 6.39 -12.72
CA CYS A 307 -2.63 5.37 -13.72
C CYS A 307 -3.29 6.05 -14.92
N ARG A 308 -3.43 5.31 -16.02
CA ARG A 308 -4.04 5.85 -17.23
C ARG A 308 -5.45 6.37 -17.01
N ARG A 309 -6.24 5.67 -16.20
CA ARG A 309 -7.60 6.11 -15.92
C ARG A 309 -7.62 7.50 -15.32
N TRP A 310 -6.60 7.82 -14.53
CA TRP A 310 -6.55 9.13 -13.90
C TRP A 310 -6.18 10.22 -14.90
N LEU A 311 -5.55 9.83 -16.00
CA LEU A 311 -5.21 10.79 -17.04
C LEU A 311 -6.48 10.99 -17.86
N ASP A 312 -7.23 9.92 -18.10
CA ASP A 312 -8.48 10.03 -18.87
C ASP A 312 -9.45 10.97 -18.19
N ARG A 313 -9.61 10.83 -16.87
CA ARG A 313 -10.56 11.66 -16.14
C ARG A 313 -10.17 13.13 -16.12
N LEU A 314 -8.90 13.43 -16.38
CA LEU A 314 -8.45 14.82 -16.40
C LEU A 314 -8.66 15.39 -17.80
N GLY A 315 -9.34 14.63 -18.65
CA GLY A 315 -9.61 15.09 -20.00
C GLY A 315 -8.50 14.86 -21.01
N GLU A 316 -7.46 14.12 -20.61
CA GLU A 316 -6.36 13.85 -21.53
C GLU A 316 -6.72 12.75 -22.51
N SER A 317 -6.32 12.92 -23.76
CA SER A 317 -6.61 11.94 -24.81
C SER A 317 -5.40 11.71 -25.72
N LYS A 318 -5.31 10.52 -26.30
CA LYS A 318 -4.21 10.16 -27.20
C LYS A 318 -2.86 10.59 -26.62
N TYR A 319 -2.60 10.19 -25.39
CA TYR A 319 -1.37 10.55 -24.69
C TYR A 319 -0.37 9.40 -24.54
N LEU A 320 -0.74 8.22 -25.05
CA LEU A 320 0.11 7.05 -24.92
C LEU A 320 1.55 7.25 -25.41
N MET A 321 1.72 7.84 -26.59
CA MET A 321 3.08 8.05 -27.09
C MET A 321 3.85 9.03 -26.20
N ALA A 322 3.19 10.11 -25.78
CA ALA A 322 3.82 11.09 -24.90
C ALA A 322 4.26 10.40 -23.61
N LEU A 323 3.39 9.54 -23.09
CA LEU A 323 3.70 8.81 -21.87
C LEU A 323 4.92 7.91 -22.13
N LYS A 324 4.92 7.25 -23.27
CA LYS A 324 6.05 6.39 -23.62
C LYS A 324 7.34 7.21 -23.69
N ASN A 325 7.25 8.41 -24.27
CA ASN A 325 8.43 9.27 -24.38
C ASN A 325 9.01 9.59 -23.01
N LEU A 326 8.13 9.95 -22.08
CA LEU A 326 8.56 10.28 -20.72
C LEU A 326 9.24 9.08 -20.08
N CYS A 327 8.71 7.89 -20.34
CA CYS A 327 9.29 6.68 -19.78
C CYS A 327 10.67 6.44 -20.41
N ASP A 328 10.74 6.55 -21.73
CA ASP A 328 12.00 6.34 -22.44
C ASP A 328 13.06 7.36 -22.03
N LEU A 329 12.61 8.55 -21.62
CA LEU A 329 13.52 9.59 -21.18
C LEU A 329 13.97 9.35 -19.74
N GLY A 330 13.28 8.43 -19.07
CA GLY A 330 13.62 8.14 -17.69
C GLY A 330 13.01 9.13 -16.71
N ILE A 331 12.12 9.98 -17.21
CA ILE A 331 11.45 10.97 -16.36
C ILE A 331 10.33 10.28 -15.60
N VAL A 332 9.69 9.31 -16.24
CA VAL A 332 8.62 8.55 -15.63
C VAL A 332 8.97 7.07 -15.74
N ASP A 333 8.62 6.30 -14.73
CA ASP A 333 8.88 4.88 -14.74
C ASP A 333 7.59 4.09 -14.77
N PRO A 334 7.54 3.05 -15.62
CA PRO A 334 6.34 2.22 -15.72
C PRO A 334 6.42 1.15 -14.64
N TYR A 335 5.27 0.77 -14.09
CA TYR A 335 5.18 -0.25 -13.06
C TYR A 335 4.10 -1.23 -13.48
N PRO A 336 4.44 -2.19 -14.36
CA PRO A 336 3.47 -3.17 -14.85
C PRO A 336 3.04 -4.18 -13.79
N PRO A 337 1.93 -4.89 -14.06
CA PRO A 337 1.43 -5.88 -13.12
C PRO A 337 2.52 -6.92 -12.86
N LEU A 338 2.60 -7.39 -11.62
CA LEU A 338 3.59 -8.39 -11.21
C LEU A 338 2.82 -9.67 -10.89
N CYS A 339 3.02 -10.68 -11.72
CA CYS A 339 2.28 -11.94 -11.56
C CYS A 339 3.16 -13.18 -11.47
N ASP A 340 2.66 -14.17 -10.75
CA ASP A 340 3.35 -15.45 -10.59
C ASP A 340 2.87 -16.27 -11.79
N ILE A 341 3.24 -17.56 -11.82
CA ILE A 341 2.87 -18.43 -12.94
C ILE A 341 1.35 -18.59 -13.11
N LYS A 342 0.93 -18.79 -14.35
CA LYS A 342 -0.48 -18.98 -14.66
C LYS A 342 -1.01 -20.15 -13.85
N GLY A 343 -2.20 -19.98 -13.26
CA GLY A 343 -2.78 -21.04 -12.47
C GLY A 343 -2.50 -20.93 -10.97
N SER A 344 -1.53 -20.10 -10.59
CA SER A 344 -1.20 -19.94 -9.18
C SER A 344 -2.11 -18.93 -8.49
N TYR A 345 -2.11 -18.95 -7.16
CA TYR A 345 -2.93 -18.03 -6.39
C TYR A 345 -2.04 -17.22 -5.47
N THR A 346 -2.27 -15.91 -5.41
CA THR A 346 -1.46 -15.04 -4.56
C THR A 346 -2.34 -14.23 -3.63
N ALA A 347 -1.85 -13.98 -2.42
CA ALA A 347 -2.59 -13.21 -1.42
C ALA A 347 -1.67 -12.16 -0.83
N GLN A 348 -2.27 -11.05 -0.36
CA GLN A 348 -1.50 -9.95 0.22
C GLN A 348 -2.22 -9.25 1.37
N PHE A 349 -1.43 -8.79 2.34
CA PHE A 349 -1.94 -8.03 3.48
C PHE A 349 -0.86 -7.04 3.80
N GLU A 350 -1.26 -5.78 4.02
CA GLU A 350 -0.29 -4.73 4.26
C GLU A 350 -0.77 -3.64 5.21
N HIS A 351 0.17 -3.09 5.98
CA HIS A 351 -0.12 -2.00 6.90
C HIS A 351 1.04 -1.02 6.90
N THR A 352 0.74 0.23 7.24
CA THR A 352 1.77 1.24 7.33
C THR A 352 2.03 1.41 8.83
N ILE A 353 3.29 1.48 9.22
CA ILE A 353 3.62 1.66 10.62
C ILE A 353 4.57 2.84 10.80
N LEU A 354 4.44 3.51 11.94
CA LEU A 354 5.27 4.67 12.26
C LEU A 354 6.25 4.27 13.35
N LEU A 355 7.53 4.44 13.10
CA LEU A 355 8.53 4.11 14.11
C LEU A 355 8.75 5.35 14.96
N ARG A 356 7.75 5.67 15.77
CA ARG A 356 7.81 6.83 16.65
C ARG A 356 8.78 6.65 17.80
N PRO A 357 9.33 7.77 18.32
CA PRO A 357 10.28 7.74 19.43
C PRO A 357 9.77 6.99 20.66
N THR A 358 8.50 7.17 20.98
CA THR A 358 7.91 6.53 22.16
C THR A 358 7.31 5.15 21.92
N CYS A 359 6.98 4.83 20.68
CA CYS A 359 6.40 3.53 20.40
C CYS A 359 6.28 3.23 18.91
N LYS A 360 5.77 2.04 18.61
CA LYS A 360 5.55 1.60 17.25
C LYS A 360 4.05 1.71 17.02
N GLU A 361 3.65 2.50 16.04
CA GLU A 361 2.23 2.67 15.77
C GLU A 361 1.82 2.06 14.43
N VAL A 362 0.92 1.08 14.49
CA VAL A 362 0.42 0.45 13.27
C VAL A 362 -0.76 1.37 12.95
N VAL A 363 -0.42 2.53 12.39
CA VAL A 363 -1.41 3.56 12.08
C VAL A 363 -2.62 3.18 11.23
N SER A 364 -2.46 2.20 10.35
CA SER A 364 -3.57 1.78 9.49
C SER A 364 -4.37 0.58 10.01
N ARG A 365 -4.06 0.12 11.22
CA ARG A 365 -4.76 -1.01 11.82
C ARG A 365 -6.24 -0.67 12.00
N GLY A 366 -7.11 -1.65 11.76
CA GLY A 366 -8.54 -1.42 11.93
C GLY A 366 -9.19 -2.58 12.66
N ASP A 367 -10.51 -2.55 12.76
CA ASP A 367 -11.24 -3.64 13.42
C ASP A 367 -11.32 -4.81 12.45
N ASP A 368 -11.05 -4.54 11.18
CA ASP A 368 -11.10 -5.58 10.16
C ASP A 368 -9.81 -6.38 10.06
N TYR A 369 -8.68 -5.70 10.02
CA TYR A 369 -7.39 -6.38 9.94
C TYR A 369 -6.26 -5.43 10.33
#